data_1NF0
#
_entry.id   1NF0
#
_cell.length_a   47.258
_cell.length_b   62.170
_cell.length_c   160.684
_cell.angle_alpha   90.00
_cell.angle_beta   90.00
_cell.angle_gamma   90.00
#
_symmetry.space_group_name_H-M   'P 21 21 21'
#
loop_
_entity.id
_entity.type
_entity.pdbx_description
1 polymer 'triosephosphate isomerase'
2 non-polymer 1,3-DIHYDROXYACETONEPHOSPHATE
3 water water
#
_entity_poly.entity_id   1
_entity_poly.type   'polypeptide(L)'
_entity_poly.pdbx_seq_one_letter_code
;ARTFFVGGNFKLNGSKQSIKEIVERLNTASIPENVEVVICPPATYLDYSVSLVKKPQVTVGAQNAYLKASGAFTGENSVD
QIKDVGAKYVILGHSERRSYFHEDDKFIADKTKFALGQGVGVILCIGETLEEKKAGKTLDVVERQLNAVLEEVKDFTNVV
VAYEPV(FTR)AIGTGLAATPEDAQDIHASIRKFLASKLGDKAASELRILYGGSANGSNAVTFKDKADVDGFLVGGASLK
PEFVDIINSRN
;
_entity_poly.pdbx_strand_id   A,B
#
loop_
_chem_comp.id
_chem_comp.type
_chem_comp.name
_chem_comp.formula
13P non-polymer 1,3-DIHYDROXYACETONEPHOSPHATE 'C3 H7 O6 P'
#
# COMPACT_ATOMS: atom_id res chain seq x y z
N ALA A 1 -25.92 17.47 -18.31
CA ALA A 1 -25.61 17.40 -16.89
C ALA A 1 -24.63 16.28 -16.56
N ARG A 2 -23.96 16.44 -15.44
CA ARG A 2 -22.99 15.46 -14.94
C ARG A 2 -23.61 14.53 -13.91
N THR A 3 -23.28 13.24 -14.03
CA THR A 3 -23.76 12.20 -13.13
C THR A 3 -23.16 12.37 -11.75
N PHE A 4 -24.00 12.45 -10.73
CA PHE A 4 -23.59 12.57 -9.34
C PHE A 4 -22.68 11.43 -8.93
N PHE A 5 -21.55 11.77 -8.32
CA PHE A 5 -20.53 10.76 -8.03
C PHE A 5 -20.20 10.81 -6.56
N VAL A 6 -20.24 9.70 -5.82
CA VAL A 6 -19.85 9.72 -4.41
C VAL A 6 -18.78 8.68 -4.12
N GLY A 7 -17.55 9.13 -3.80
CA GLY A 7 -16.52 8.17 -3.46
C GLY A 7 -16.40 8.07 -1.93
N GLY A 8 -16.08 6.87 -1.47
CA GLY A 8 -15.85 6.68 -0.04
C GLY A 8 -14.44 6.14 0.17
N ASN A 9 -13.58 6.95 0.74
CA ASN A 9 -12.20 6.64 1.04
C ASN A 9 -12.13 6.14 2.48
N PHE A 10 -12.07 4.80 2.67
CA PHE A 10 -11.99 4.25 4.00
C PHE A 10 -10.67 4.58 4.71
N LYS A 11 -9.64 5.01 3.99
CA LYS A 11 -8.29 5.24 4.56
C LYS A 11 -7.83 3.98 5.27
N LEU A 12 -6.95 4.12 6.26
CA LEU A 12 -6.45 2.93 6.96
C LEU A 12 -7.44 2.46 8.02
N ASN A 13 -8.59 1.92 7.62
CA ASN A 13 -9.67 1.47 8.47
C ASN A 13 -10.41 0.32 7.82
N GLY A 14 -10.78 -0.65 8.65
CA GLY A 14 -11.59 -1.73 8.10
C GLY A 14 -11.21 -3.07 8.67
N SER A 15 -12.15 -3.99 8.54
CA SER A 15 -11.94 -5.39 8.86
C SER A 15 -12.94 -6.16 8.02
N LYS A 16 -12.79 -7.48 7.87
CA LYS A 16 -13.76 -8.22 7.09
C LYS A 16 -15.17 -7.94 7.62
N GLN A 17 -15.29 -7.85 8.94
CA GLN A 17 -16.59 -7.64 9.56
C GLN A 17 -17.18 -6.31 9.10
N SER A 18 -16.39 -5.25 9.32
CA SER A 18 -16.95 -3.92 9.02
C SER A 18 -17.23 -3.77 7.52
N ILE A 19 -16.40 -4.31 6.63
CA ILE A 19 -16.65 -4.24 5.18
C ILE A 19 -17.95 -4.92 4.82
N LYS A 20 -18.21 -6.07 5.47
CA LYS A 20 -19.50 -6.72 5.24
C LYS A 20 -20.66 -5.80 5.67
N GLU A 21 -20.56 -5.18 6.83
CA GLU A 21 -21.62 -4.28 7.30
C GLU A 21 -21.84 -3.15 6.30
N ILE A 22 -20.74 -2.52 5.87
CA ILE A 22 -20.87 -1.40 4.93
C ILE A 22 -21.50 -1.77 3.61
N VAL A 23 -21.04 -2.84 2.97
CA VAL A 23 -21.54 -3.24 1.66
C VAL A 23 -22.95 -3.80 1.72
N GLU A 24 -23.32 -4.52 2.78
CA GLU A 24 -24.66 -5.10 2.72
C GLU A 24 -25.70 -4.00 2.98
N ARG A 25 -25.30 -2.95 3.67
CA ARG A 25 -26.15 -1.76 3.84
C ARG A 25 -26.38 -1.11 2.48
N LEU A 26 -25.33 -0.84 1.71
CA LEU A 26 -25.50 -0.35 0.35
C LEU A 26 -26.35 -1.24 -0.57
N ASN A 27 -26.12 -2.53 -0.60
CA ASN A 27 -26.84 -3.46 -1.46
C ASN A 27 -28.35 -3.29 -1.41
N THR A 28 -28.87 -3.20 -0.19
CA THR A 28 -30.32 -3.06 -0.01
C THR A 28 -30.77 -1.65 0.37
N ALA A 29 -30.05 -0.64 -0.09
CA ALA A 29 -30.47 0.74 0.25
C ALA A 29 -31.22 1.32 -0.91
N SER A 30 -32.16 2.23 -0.66
CA SER A 30 -32.76 2.85 -1.84
C SER A 30 -31.85 3.99 -2.26
N ILE A 31 -31.37 3.89 -3.51
CA ILE A 31 -30.49 4.96 -3.96
C ILE A 31 -30.94 5.32 -5.36
N PRO A 32 -30.62 6.53 -5.77
CA PRO A 32 -31.03 6.97 -7.10
C PRO A 32 -30.52 6.00 -8.16
N GLU A 33 -31.31 5.89 -9.22
CA GLU A 33 -31.02 5.07 -10.37
C GLU A 33 -29.66 5.34 -10.99
N ASN A 34 -29.28 6.62 -11.05
CA ASN A 34 -28.12 6.90 -11.89
C ASN A 34 -26.88 7.33 -11.15
N VAL A 35 -26.91 7.31 -9.82
CA VAL A 35 -25.70 7.72 -9.09
C VAL A 35 -24.53 6.79 -9.36
N GLU A 36 -23.31 7.29 -9.24
CA GLU A 36 -22.15 6.39 -9.28
C GLU A 36 -21.50 6.39 -7.90
N VAL A 37 -21.40 5.25 -7.24
CA VAL A 37 -20.78 5.19 -5.91
C VAL A 37 -19.50 4.38 -6.02
N VAL A 38 -18.40 4.88 -5.45
CA VAL A 38 -17.15 4.08 -5.48
C VAL A 38 -16.61 3.94 -4.08
N ILE A 39 -16.58 2.69 -3.60
CA ILE A 39 -16.09 2.48 -2.22
C ILE A 39 -14.61 2.11 -2.30
N CYS A 40 -13.75 2.72 -1.49
CA CYS A 40 -12.30 2.46 -1.63
C CYS A 40 -11.70 1.91 -0.34
N PRO A 41 -11.72 0.61 -0.12
CA PRO A 41 -11.19 0.04 1.11
C PRO A 41 -9.69 -0.17 1.03
N PRO A 42 -9.07 -0.55 2.14
CA PRO A 42 -7.67 -0.97 2.06
C PRO A 42 -7.45 -2.11 1.08
N ALA A 43 -6.28 -2.19 0.44
CA ALA A 43 -5.98 -3.20 -0.57
C ALA A 43 -6.25 -4.61 -0.06
N THR A 44 -5.94 -4.83 1.23
CA THR A 44 -6.23 -6.11 1.84
C THR A 44 -7.68 -6.58 1.74
N TYR A 45 -8.62 -5.67 1.49
CA TYR A 45 -10.05 -6.00 1.40
C TYR A 45 -10.67 -5.73 0.05
N LEU A 46 -9.89 -5.43 -0.98
CA LEU A 46 -10.47 -5.12 -2.28
C LEU A 46 -11.27 -6.27 -2.88
N ASP A 47 -10.71 -7.47 -2.89
CA ASP A 47 -11.37 -8.64 -3.47
C ASP A 47 -12.62 -8.95 -2.67
N TYR A 48 -12.52 -9.06 -1.37
CA TYR A 48 -13.71 -9.36 -0.53
C TYR A 48 -14.80 -8.32 -0.77
N SER A 49 -14.43 -7.03 -0.80
CA SER A 49 -15.44 -6.02 -1.11
C SER A 49 -16.11 -6.25 -2.45
N VAL A 50 -15.39 -6.44 -3.53
CA VAL A 50 -16.02 -6.74 -4.82
C VAL A 50 -16.96 -7.94 -4.72
N SER A 51 -16.54 -8.95 -3.95
CA SER A 51 -17.39 -10.15 -3.95
C SER A 51 -18.72 -9.92 -3.21
N LEU A 52 -18.81 -8.89 -2.39
CA LEU A 52 -20.02 -8.69 -1.57
C LEU A 52 -20.97 -7.69 -2.24
N VAL A 53 -20.53 -6.88 -3.17
CA VAL A 53 -21.38 -5.89 -3.82
C VAL A 53 -22.44 -6.53 -4.73
N LYS A 54 -23.67 -6.08 -4.51
CA LYS A 54 -24.83 -6.54 -5.27
C LYS A 54 -25.71 -5.37 -5.69
N LYS A 55 -25.04 -4.32 -6.14
CA LYS A 55 -25.72 -3.09 -6.53
C LYS A 55 -25.03 -2.49 -7.74
N PRO A 56 -25.68 -2.31 -8.88
CA PRO A 56 -24.99 -1.81 -10.08
C PRO A 56 -24.37 -0.42 -9.93
N GLN A 57 -24.89 0.46 -9.08
CA GLN A 57 -24.34 1.79 -8.93
C GLN A 57 -23.03 1.82 -8.16
N VAL A 58 -22.69 0.71 -7.51
CA VAL A 58 -21.55 0.66 -6.60
C VAL A 58 -20.38 -0.13 -7.20
N THR A 59 -19.21 0.50 -7.28
CA THR A 59 -18.02 -0.26 -7.72
C THR A 59 -16.92 0.00 -6.70
N VAL A 60 -15.82 -0.72 -6.80
CA VAL A 60 -14.75 -0.69 -5.80
C VAL A 60 -13.48 -0.05 -6.36
N GLY A 61 -12.80 0.73 -5.54
CA GLY A 61 -11.54 1.36 -5.95
C GLY A 61 -10.43 1.13 -4.94
N ALA A 62 -9.18 1.23 -5.39
CA ALA A 62 -8.02 1.17 -4.52
C ALA A 62 -7.62 2.56 -4.01
N GLN A 63 -6.81 2.63 -2.96
CA GLN A 63 -6.39 3.89 -2.38
C GLN A 63 -5.05 4.42 -2.89
N ASN A 64 -4.31 3.58 -3.62
CA ASN A 64 -3.06 3.96 -4.24
C ASN A 64 -2.52 2.81 -5.08
N ALA A 65 -1.65 3.14 -6.03
CA ALA A 65 -0.99 2.05 -6.78
C ALA A 65 0.29 2.60 -7.42
N TYR A 66 1.16 1.72 -7.92
CA TYR A 66 2.45 2.24 -8.43
C TYR A 66 2.30 2.58 -9.91
N LEU A 67 3.39 3.04 -10.55
CA LEU A 67 3.39 3.50 -11.93
C LEU A 67 3.87 2.42 -12.91
N LYS A 68 4.01 1.18 -12.47
CA LYS A 68 4.30 0.03 -13.32
C LYS A 68 3.31 -1.06 -12.91
N ALA A 69 2.96 -2.05 -13.70
CA ALA A 69 2.03 -3.08 -13.23
C ALA A 69 2.69 -4.25 -12.55
N SER A 70 3.99 -4.44 -12.76
CA SER A 70 4.61 -5.62 -12.14
C SER A 70 6.09 -5.34 -11.96
N GLY A 71 6.78 -6.16 -11.18
CA GLY A 71 8.23 -5.98 -11.08
C GLY A 71 8.74 -5.94 -9.65
N ALA A 72 9.98 -5.52 -9.46
CA ALA A 72 10.65 -5.62 -8.16
C ALA A 72 10.45 -4.36 -7.33
N PHE A 73 9.21 -4.24 -6.86
CA PHE A 73 8.73 -3.10 -6.08
C PHE A 73 7.95 -3.60 -4.86
N THR A 74 8.73 -4.12 -3.92
CA THR A 74 8.16 -4.75 -2.72
C THR A 74 7.23 -3.79 -2.02
N GLY A 75 6.01 -4.26 -1.70
CA GLY A 75 5.09 -3.46 -0.92
C GLY A 75 4.11 -2.61 -1.68
N GLU A 76 4.24 -2.52 -3.00
CA GLU A 76 3.35 -1.62 -3.75
C GLU A 76 2.07 -2.35 -4.18
N ASN A 77 1.06 -1.57 -4.58
CA ASN A 77 -0.09 -2.16 -5.24
C ASN A 77 0.02 -1.92 -6.76
N SER A 78 -0.68 -2.76 -7.51
CA SER A 78 -0.67 -2.71 -8.97
C SER A 78 -2.05 -2.55 -9.58
N VAL A 79 -2.16 -1.66 -10.58
CA VAL A 79 -3.48 -1.49 -11.21
C VAL A 79 -3.88 -2.78 -11.90
N ASP A 80 -2.94 -3.63 -12.32
CA ASP A 80 -3.43 -4.87 -12.95
C ASP A 80 -4.00 -5.83 -11.92
N GLN A 81 -3.50 -5.78 -10.68
CA GLN A 81 -4.01 -6.56 -9.57
C GLN A 81 -5.40 -6.08 -9.17
N ILE A 82 -5.59 -4.77 -9.12
CA ILE A 82 -6.87 -4.13 -8.84
C ILE A 82 -7.89 -4.61 -9.84
N LYS A 83 -7.53 -4.61 -11.12
CA LYS A 83 -8.38 -5.08 -12.20
C LYS A 83 -8.69 -6.58 -12.05
N ASP A 84 -7.71 -7.39 -11.66
CA ASP A 84 -7.83 -8.84 -11.55
C ASP A 84 -8.88 -9.26 -10.54
N VAL A 85 -9.11 -8.48 -9.47
CA VAL A 85 -10.08 -8.83 -8.46
C VAL A 85 -11.42 -8.12 -8.68
N GLY A 86 -11.53 -7.40 -9.76
CA GLY A 86 -12.71 -6.75 -10.27
C GLY A 86 -13.01 -5.36 -9.77
N ALA A 87 -11.99 -4.70 -9.20
CA ALA A 87 -12.17 -3.31 -8.82
C ALA A 87 -11.98 -2.44 -10.08
N LYS A 88 -12.45 -1.20 -10.06
CA LYS A 88 -12.48 -0.38 -11.26
C LYS A 88 -11.84 0.99 -11.19
N TYR A 89 -11.38 1.45 -10.03
CA TYR A 89 -10.76 2.76 -9.88
C TYR A 89 -9.55 2.72 -8.97
N VAL A 90 -8.77 3.82 -8.98
CA VAL A 90 -7.73 4.01 -7.97
C VAL A 90 -7.74 5.52 -7.59
N ILE A 91 -7.59 5.75 -6.29
CA ILE A 91 -7.28 7.11 -5.84
C ILE A 91 -5.81 7.45 -6.03
N LEU A 92 -5.53 8.61 -6.68
CA LEU A 92 -4.14 9.01 -6.90
C LEU A 92 -3.94 10.46 -6.46
N GLY A 93 -2.85 10.72 -5.75
CA GLY A 93 -2.54 12.10 -5.37
C GLY A 93 -3.20 12.54 -4.08
N HIS A 94 -3.75 11.61 -3.28
CA HIS A 94 -4.38 12.03 -2.04
C HIS A 94 -3.46 12.87 -1.16
N SER A 95 -3.95 13.89 -0.47
CA SER A 95 -3.03 14.73 0.29
C SER A 95 -2.17 13.95 1.28
N GLU A 96 -2.71 12.84 1.80
CA GLU A 96 -1.91 12.08 2.77
C GLU A 96 -0.72 11.42 2.11
N ARG A 97 -0.82 11.07 0.84
CA ARG A 97 0.39 10.57 0.13
C ARG A 97 1.33 11.67 -0.32
N ARG A 98 0.76 12.78 -0.78
CA ARG A 98 1.59 13.91 -1.17
C ARG A 98 2.43 14.34 0.05
N SER A 99 1.82 14.33 1.25
CA SER A 99 2.58 14.86 2.39
C SER A 99 3.47 13.78 3.02
N TYR A 100 2.87 12.89 3.77
CA TYR A 100 3.56 11.85 4.52
C TYR A 100 4.51 11.06 3.61
N PHE A 101 4.13 10.78 2.38
CA PHE A 101 4.93 9.83 1.59
C PHE A 101 5.64 10.47 0.44
N HIS A 102 5.65 11.81 0.47
CA HIS A 102 6.45 12.58 -0.47
C HIS A 102 6.15 12.23 -1.92
N GLU A 103 4.86 12.05 -2.22
CA GLU A 103 4.56 11.80 -3.63
C GLU A 103 4.47 13.12 -4.42
N ASP A 104 5.41 13.36 -5.33
CA ASP A 104 5.50 14.65 -6.04
C ASP A 104 4.53 14.70 -7.21
N ASP A 105 4.35 15.91 -7.77
CA ASP A 105 3.36 16.12 -8.82
C ASP A 105 3.57 15.20 -10.02
N LYS A 106 4.81 15.01 -10.45
CA LYS A 106 5.14 14.19 -11.61
C LYS A 106 4.91 12.70 -11.32
N PHE A 107 5.23 12.26 -10.10
CA PHE A 107 4.93 10.90 -9.65
C PHE A 107 3.45 10.61 -9.92
N ILE A 108 2.59 11.54 -9.47
CA ILE A 108 1.16 11.40 -9.57
C ILE A 108 0.73 11.37 -11.03
N ALA A 109 1.29 12.24 -11.88
CA ALA A 109 0.99 12.24 -13.28
C ALA A 109 1.39 10.93 -13.99
N ASP A 110 2.55 10.37 -13.61
CA ASP A 110 2.97 9.12 -14.22
C ASP A 110 2.02 7.99 -13.83
N LYS A 111 1.65 7.94 -12.55
CA LYS A 111 0.65 6.97 -12.11
C LYS A 111 -0.69 7.13 -12.81
N THR A 112 -1.11 8.37 -13.08
CA THR A 112 -2.42 8.60 -13.68
C THR A 112 -2.44 8.09 -15.11
N LYS A 113 -1.42 8.52 -15.87
CA LYS A 113 -1.27 8.03 -17.23
C LYS A 113 -1.27 6.50 -17.27
N PHE A 114 -0.46 5.90 -16.39
CA PHE A 114 -0.36 4.44 -16.41
C PHE A 114 -1.70 3.77 -16.08
N ALA A 115 -2.38 4.22 -15.02
CA ALA A 115 -3.68 3.59 -14.69
C ALA A 115 -4.72 3.72 -15.79
N LEU A 116 -4.87 4.90 -16.36
CA LEU A 116 -5.88 5.07 -17.40
C LEU A 116 -5.54 4.15 -18.58
N GLY A 117 -4.26 4.02 -18.84
CA GLY A 117 -3.65 3.20 -19.86
C GLY A 117 -4.02 1.73 -19.74
N GLN A 118 -4.22 1.26 -18.53
CA GLN A 118 -4.56 -0.10 -18.18
C GLN A 118 -6.07 -0.28 -18.02
N GLY A 119 -6.83 0.78 -18.27
CA GLY A 119 -8.26 0.72 -18.19
C GLY A 119 -8.87 0.79 -16.82
N VAL A 120 -8.17 1.48 -15.92
CA VAL A 120 -8.72 1.68 -14.57
C VAL A 120 -8.96 3.17 -14.40
N GLY A 121 -10.13 3.52 -13.88
CA GLY A 121 -10.52 4.90 -13.64
C GLY A 121 -9.68 5.54 -12.54
N VAL A 122 -9.55 6.86 -12.60
CA VAL A 122 -8.79 7.56 -11.56
C VAL A 122 -9.63 8.61 -10.83
N ILE A 123 -9.53 8.58 -9.51
CA ILE A 123 -9.98 9.69 -8.65
C ILE A 123 -8.74 10.49 -8.33
N LEU A 124 -8.59 11.60 -9.02
CA LEU A 124 -7.36 12.40 -8.97
C LEU A 124 -7.52 13.50 -7.92
N CYS A 125 -6.74 13.50 -6.85
CA CYS A 125 -6.89 14.51 -5.79
C CYS A 125 -5.90 15.66 -5.96
N ILE A 126 -6.43 16.86 -5.73
CA ILE A 126 -5.60 18.06 -5.69
C ILE A 126 -6.01 18.91 -4.49
N GLY A 127 -5.16 19.86 -4.06
CA GLY A 127 -5.51 20.74 -2.95
C GLY A 127 -4.31 21.48 -2.36
N GLU A 128 -4.55 22.66 -1.80
CA GLU A 128 -3.48 23.45 -1.17
C GLU A 128 -3.52 23.36 0.34
N THR A 129 -2.39 23.61 0.98
CA THR A 129 -2.27 23.65 2.43
C THR A 129 -2.79 24.96 3.02
N LEU A 130 -2.85 25.03 4.35
CA LEU A 130 -3.32 26.27 4.98
C LEU A 130 -2.39 27.43 4.69
N GLU A 131 -1.09 27.16 4.74
CA GLU A 131 -0.02 28.11 4.53
C GLU A 131 -0.06 28.64 3.10
N GLU A 132 -0.29 27.72 2.15
CA GLU A 132 -0.53 28.13 0.78
C GLU A 132 -1.80 29.00 0.62
N LYS A 133 -2.90 28.60 1.21
CA LYS A 133 -4.15 29.38 1.27
C LYS A 133 -3.86 30.82 1.71
N LYS A 134 -3.18 30.96 2.83
CA LYS A 134 -2.90 32.29 3.40
C LYS A 134 -1.97 33.12 2.55
N ALA A 135 -1.11 32.50 1.76
CA ALA A 135 -0.20 33.23 0.89
C ALA A 135 -0.90 33.69 -0.39
N GLY A 136 -2.17 33.30 -0.52
CA GLY A 136 -2.89 33.63 -1.74
C GLY A 136 -2.61 32.69 -2.89
N LYS A 137 -2.10 31.49 -2.61
CA LYS A 137 -1.56 30.63 -3.65
C LYS A 137 -2.51 29.49 -4.04
N THR A 138 -3.78 29.51 -3.67
CA THR A 138 -4.71 28.40 -3.94
C THR A 138 -4.71 28.02 -5.41
N LEU A 139 -4.95 28.99 -6.31
CA LEU A 139 -5.04 28.56 -7.72
C LEU A 139 -3.66 28.23 -8.27
N ASP A 140 -2.62 28.92 -7.85
CA ASP A 140 -1.27 28.62 -8.31
C ASP A 140 -0.97 27.15 -8.03
N VAL A 141 -1.28 26.75 -6.78
CA VAL A 141 -1.00 25.36 -6.44
C VAL A 141 -1.85 24.38 -7.24
N VAL A 142 -3.18 24.56 -7.33
CA VAL A 142 -3.93 23.48 -8.01
C VAL A 142 -3.67 23.49 -9.51
N GLU A 143 -3.35 24.64 -10.09
CA GLU A 143 -2.95 24.63 -11.48
C GLU A 143 -1.63 23.88 -11.69
N ARG A 144 -0.67 24.02 -10.77
CA ARG A 144 0.59 23.31 -10.86
C ARG A 144 0.39 21.80 -10.70
N GLN A 145 -0.40 21.40 -9.71
CA GLN A 145 -0.76 19.96 -9.63
C GLN A 145 -1.43 19.43 -10.89
N LEU A 146 -2.41 20.16 -11.45
CA LEU A 146 -3.08 19.70 -12.68
C LEU A 146 -2.19 19.79 -13.93
N ASN A 147 -1.38 20.84 -14.05
CA ASN A 147 -0.56 20.95 -15.26
C ASN A 147 0.43 19.79 -15.32
N ALA A 148 0.91 19.32 -14.17
CA ALA A 148 1.81 18.15 -14.19
C ALA A 148 1.07 16.95 -14.76
N VAL A 149 -0.20 16.74 -14.38
CA VAL A 149 -0.93 15.62 -14.94
C VAL A 149 -1.16 15.84 -16.45
N LEU A 150 -1.43 17.08 -16.85
CA LEU A 150 -1.75 17.35 -18.25
C LEU A 150 -0.53 17.15 -19.13
N GLU A 151 0.67 17.13 -18.53
CA GLU A 151 1.86 16.84 -19.34
C GLU A 151 1.82 15.41 -19.87
N GLU A 152 1.06 14.58 -19.16
CA GLU A 152 1.03 13.16 -19.51
C GLU A 152 -0.30 12.66 -20.01
N VAL A 153 -1.40 13.28 -19.62
CA VAL A 153 -2.78 12.91 -19.76
C VAL A 153 -3.68 14.06 -20.16
N LYS A 154 -4.31 13.96 -21.33
CA LYS A 154 -5.30 15.00 -21.63
C LYS A 154 -6.69 14.41 -21.75
N ASP A 155 -6.83 13.09 -21.75
CA ASP A 155 -8.16 12.48 -21.86
C ASP A 155 -8.70 12.22 -20.45
N PHE A 156 -9.64 13.04 -20.02
CA PHE A 156 -10.16 12.87 -18.66
C PHE A 156 -11.48 12.14 -18.71
N THR A 157 -11.81 11.45 -19.80
CA THR A 157 -13.03 10.66 -19.85
C THR A 157 -13.24 9.75 -18.63
N ASN A 158 -12.23 8.99 -18.22
CA ASN A 158 -12.32 8.08 -17.10
C ASN A 158 -11.65 8.61 -15.82
N VAL A 159 -11.69 9.93 -15.64
CA VAL A 159 -11.14 10.60 -14.46
C VAL A 159 -12.28 11.34 -13.75
N VAL A 160 -12.20 11.46 -12.43
CA VAL A 160 -12.96 12.44 -11.68
C VAL A 160 -11.93 13.21 -10.84
N VAL A 161 -12.11 14.52 -10.69
CA VAL A 161 -11.18 15.31 -9.90
C VAL A 161 -11.76 15.59 -8.53
N ALA A 162 -10.99 15.33 -7.48
CA ALA A 162 -11.50 15.66 -6.14
C ALA A 162 -10.69 16.82 -5.58
N TYR A 163 -11.31 17.94 -5.22
CA TYR A 163 -10.61 19.07 -4.61
C TYR A 163 -10.68 18.86 -3.10
N GLU A 164 -9.51 18.76 -2.48
N GLU A 164 -9.54 18.65 -2.43
CA GLU A 164 -9.36 18.59 -1.04
CA GLU A 164 -9.58 18.41 -0.98
C GLU A 164 -8.99 19.90 -0.35
C GLU A 164 -8.56 19.33 -0.33
N PRO A 165 -9.86 20.68 0.28
N PRO A 165 -9.03 20.46 0.22
CA PRO A 165 -9.45 21.79 1.15
CA PRO A 165 -8.16 21.47 0.82
C PRO A 165 -8.56 21.36 2.31
C PRO A 165 -7.39 20.79 1.94
N VAL A 166 -7.29 21.08 2.04
N VAL A 166 -6.07 20.94 2.08
CA VAL A 166 -6.40 20.64 3.10
CA VAL A 166 -5.37 20.10 3.06
C VAL A 166 -6.19 21.72 4.17
C VAL A 166 -5.76 20.49 4.50
N FTR A 167 -6.50 22.94 3.80
N FTR A 167 -6.36 21.67 4.61
CA FTR A 167 -6.44 24.12 4.67
CA FTR A 167 -6.79 22.23 5.87
CB FTR A 167 -6.52 25.34 3.78
CB FTR A 167 -6.37 23.70 5.86
CG FTR A 167 -7.67 25.33 2.81
CG FTR A 167 -7.06 24.52 4.82
CD2 FTR A 167 -9.06 25.55 3.03
CD2 FTR A 167 -7.96 25.58 5.17
CE2 FTR A 167 -9.71 25.42 1.78
CE2 FTR A 167 -8.45 26.14 3.98
CE3 FTR A 167 -9.86 25.83 4.14
CE3 FTR A 167 -8.37 26.07 6.41
CD1 FTR A 167 -7.52 25.09 1.47
CD1 FTR A 167 -7.04 24.48 3.47
NE1 FTR A 167 -8.74 25.15 0.84
NE1 FTR A 167 -7.87 25.46 2.95
CZ2 FTR A 167 -11.09 25.57 1.63
CZ2 FTR A 167 -9.35 27.20 4.01
CZ3 FTR A 167 -11.22 25.97 4.00
CZ3 FTR A 167 -9.26 27.13 6.44
F FTR A 167 -11.96 26.24 5.08
F FTR A 167 -9.62 27.56 7.66
CH2 FTR A 167 -11.82 25.85 2.75
CH2 FTR A 167 -9.74 27.68 5.24
C FTR A 167 -7.54 24.11 5.72
C FTR A 167 -8.28 22.06 6.10
O FTR A 167 -7.43 24.84 6.72
O FTR A 167 -8.93 22.87 6.75
N ALA A 168 -8.57 23.28 5.55
N ALA A 168 -8.82 20.99 5.55
CA ALA A 168 -9.65 23.10 6.52
CA ALA A 168 -10.23 20.62 5.66
C ALA A 168 -9.48 21.88 7.41
C ALA A 168 -10.36 19.11 5.78
N ILE A 169 -8.35 21.19 7.42
N ILE A 169 -9.20 18.46 5.86
CA ILE A 169 -8.27 19.93 8.18
CA ILE A 169 -9.09 17.01 5.89
C ILE A 169 -7.70 20.16 9.57
C ILE A 169 -9.06 16.50 7.33
N GLY A 170 -8.56 20.27 10.58
N GLY A 170 -10.16 15.89 7.76
CA GLY A 170 -8.16 20.55 11.94
CA GLY A 170 -10.31 15.36 9.10
C GLY A 170 -7.70 21.98 12.20
C GLY A 170 -10.39 16.39 10.21
N THR A 171 -7.86 22.86 11.24
N THR A 171 -10.39 17.68 9.92
CA THR A 171 -7.28 24.19 11.31
CA THR A 171 -10.33 18.69 10.97
C THR A 171 -8.23 25.24 11.86
C THR A 171 -11.69 19.12 11.51
N GLY A 172 -9.47 24.85 12.07
N GLY A 172 -12.76 18.52 11.00
CA GLY A 172 -10.45 25.81 12.58
CA GLY A 172 -14.11 18.95 11.34
C GLY A 172 -10.99 26.70 11.46
C GLY A 172 -14.31 20.39 10.89
N LEU A 173 -10.88 26.21 10.24
N LEU A 173 -13.77 20.71 9.72
CA LEU A 173 -11.60 26.75 9.10
CA LEU A 173 -13.68 22.07 9.20
C LEU A 173 -12.65 25.77 8.59
C LEU A 173 -13.75 22.11 7.68
N ALA A 174 -13.74 26.34 8.08
N ALA A 174 -14.95 21.98 7.13
CA ALA A 174 -14.76 25.56 7.41
CA ALA A 174 -15.17 22.02 5.69
C ALA A 174 -14.80 25.95 5.93
C ALA A 174 -15.15 23.44 5.16
N ALA A 175 -14.91 24.92 5.12
N ALA A 175 -14.72 23.59 3.91
CA ALA A 175 -15.03 24.96 3.67
CA ALA A 175 -14.95 24.88 3.24
C ALA A 175 -16.51 24.99 3.28
C ALA A 175 -16.45 25.01 2.98
N THR A 176 -17.02 26.21 3.10
CA THR A 176 -18.46 26.37 2.89
C THR A 176 -18.90 25.97 1.50
N PRO A 177 -20.19 25.65 1.36
CA PRO A 177 -20.71 25.30 0.02
C PRO A 177 -20.45 26.39 -0.99
N GLU A 178 -20.56 27.67 -0.61
CA GLU A 178 -20.31 28.76 -1.53
C GLU A 178 -18.82 28.85 -1.83
N ASP A 179 -17.95 28.63 -0.86
CA ASP A 179 -16.51 28.51 -1.03
C ASP A 179 -16.17 27.43 -2.05
N ALA A 180 -16.80 26.26 -1.84
CA ALA A 180 -16.54 25.14 -2.74
C ALA A 180 -17.01 25.47 -4.15
N GLN A 181 -18.24 26.02 -4.27
CA GLN A 181 -18.72 26.36 -5.62
C GLN A 181 -17.76 27.27 -6.38
N ASP A 182 -17.24 28.32 -5.75
CA ASP A 182 -16.34 29.25 -6.43
C ASP A 182 -15.05 28.54 -6.86
N ILE A 183 -14.42 27.77 -5.97
CA ILE A 183 -13.17 27.12 -6.40
C ILE A 183 -13.42 26.08 -7.48
N HIS A 184 -14.47 25.26 -7.38
CA HIS A 184 -14.80 24.31 -8.43
C HIS A 184 -15.07 24.98 -9.78
N ALA A 185 -15.81 26.08 -9.72
CA ALA A 185 -16.00 26.89 -10.95
C ALA A 185 -14.66 27.36 -11.49
N SER A 186 -13.68 27.77 -10.69
CA SER A 186 -12.38 28.23 -11.15
C SER A 186 -11.54 27.12 -11.76
N ILE A 187 -11.52 25.99 -11.06
CA ILE A 187 -10.83 24.82 -11.64
C ILE A 187 -11.42 24.45 -12.98
N ARG A 188 -12.74 24.46 -13.10
CA ARG A 188 -13.39 24.06 -14.35
C ARG A 188 -12.97 25.02 -15.47
N LYS A 189 -12.94 26.29 -15.11
CA LYS A 189 -12.61 27.27 -16.17
C LYS A 189 -11.17 27.12 -16.61
N PHE A 190 -10.27 26.78 -15.67
CA PHE A 190 -8.87 26.56 -16.05
C PHE A 190 -8.77 25.32 -16.95
N LEU A 191 -9.47 24.24 -16.60
CA LEU A 191 -9.43 23.00 -17.37
C LEU A 191 -10.12 23.20 -18.71
N ALA A 192 -11.16 24.04 -18.82
CA ALA A 192 -11.72 24.36 -20.13
C ALA A 192 -10.69 24.99 -21.06
N SER A 193 -9.82 25.79 -20.47
CA SER A 193 -8.76 26.48 -21.21
C SER A 193 -7.75 25.49 -21.77
N LYS A 194 -7.61 24.31 -21.15
CA LYS A 194 -6.61 23.34 -21.56
C LYS A 194 -7.18 22.16 -22.35
N LEU A 195 -8.41 21.76 -22.06
CA LEU A 195 -9.08 20.61 -22.61
C LEU A 195 -10.27 20.94 -23.51
N GLY A 196 -10.63 22.21 -23.55
CA GLY A 196 -11.83 22.62 -24.27
C GLY A 196 -13.08 22.59 -23.42
N ASP A 197 -14.12 23.29 -23.89
CA ASP A 197 -15.30 23.46 -23.05
C ASP A 197 -16.17 22.22 -22.96
N LYS A 198 -16.16 21.34 -23.97
CA LYS A 198 -16.95 20.12 -23.86
C LYS A 198 -16.36 19.20 -22.79
N ALA A 199 -15.04 19.01 -22.83
CA ALA A 199 -14.39 18.12 -21.85
C ALA A 199 -14.59 18.68 -20.43
N ALA A 200 -14.41 19.98 -20.30
CA ALA A 200 -14.62 20.66 -19.02
C ALA A 200 -16.06 20.54 -18.54
N SER A 201 -17.09 20.64 -19.39
CA SER A 201 -18.47 20.45 -18.90
C SER A 201 -18.82 19.00 -18.61
N GLU A 202 -18.01 18.03 -19.02
CA GLU A 202 -18.31 16.63 -18.71
C GLU A 202 -17.55 16.15 -17.46
N LEU A 203 -16.55 16.91 -17.01
CA LEU A 203 -15.72 16.46 -15.90
C LEU A 203 -16.42 16.59 -14.54
N ARG A 204 -16.51 15.50 -13.79
CA ARG A 204 -16.96 15.61 -12.40
C ARG A 204 -15.86 16.14 -11.48
N ILE A 205 -16.15 17.20 -10.73
CA ILE A 205 -15.25 17.80 -9.75
C ILE A 205 -15.94 17.65 -8.40
N LEU A 206 -15.28 16.88 -7.54
CA LEU A 206 -15.83 16.47 -6.25
C LEU A 206 -15.31 17.28 -5.09
N TYR A 207 -16.19 17.51 -4.10
CA TYR A 207 -15.82 18.17 -2.87
C TYR A 207 -15.20 17.14 -1.92
N GLY A 208 -14.00 17.35 -1.35
N GLY A 208 -13.94 17.36 -1.57
CA GLY A 208 -13.51 16.46 -0.30
CA GLY A 208 -13.23 16.38 -0.77
C GLY A 208 -13.02 17.15 0.96
C GLY A 208 -12.94 16.92 0.61
N GLY A 209 -13.24 16.71 2.20
N GLY A 209 -13.78 17.86 1.04
CA GLY A 209 -12.72 17.46 3.33
CA GLY A 209 -13.78 18.38 2.40
C GLY A 209 -13.73 17.80 4.40
C GLY A 209 -14.70 17.53 3.25
N SER A 210 -13.97 16.89 5.34
N SER A 210 -14.77 17.77 4.56
CA SER A 210 -14.96 17.00 6.41
CA SER A 210 -15.59 16.87 5.37
C SER A 210 -16.38 17.00 5.85
C SER A 210 -17.06 16.95 4.95
N ALA A 211 -16.67 16.08 4.94
N ALA A 211 -17.54 15.78 4.52
CA ALA A 211 -18.05 15.84 4.46
CA ALA A 211 -18.90 15.65 4.02
C ALA A 211 -18.58 14.62 5.05
C ALA A 211 -19.62 14.60 4.83
N ASN A 212 -20.60 15.06 5.59
CA ASN A 212 -21.39 14.11 6.38
C ASN A 212 -22.85 14.06 5.99
N GLY A 213 -23.66 13.29 6.71
CA GLY A 213 -25.03 13.10 6.30
C GLY A 213 -25.89 14.33 6.62
N SER A 214 -25.35 15.24 7.42
CA SER A 214 -26.05 16.47 7.80
C SER A 214 -25.79 17.63 6.84
N ASN A 215 -24.54 17.86 6.50
CA ASN A 215 -24.20 18.96 5.59
C ASN A 215 -24.22 18.59 4.11
N ALA A 216 -24.30 17.32 3.72
CA ALA A 216 -24.26 17.05 2.28
C ALA A 216 -25.34 17.79 1.50
N VAL A 217 -26.55 17.79 2.04
CA VAL A 217 -27.71 18.43 1.41
C VAL A 217 -27.45 19.91 1.20
N THR A 218 -26.54 20.53 1.99
CA THR A 218 -26.28 21.95 1.79
C THR A 218 -25.50 22.27 0.53
N PHE A 219 -24.93 21.26 -0.13
CA PHE A 219 -24.28 21.49 -1.42
C PHE A 219 -25.16 21.17 -2.63
N LYS A 220 -26.41 20.79 -2.43
CA LYS A 220 -27.29 20.25 -3.43
C LYS A 220 -27.42 21.10 -4.69
N ASP A 221 -27.33 22.41 -4.52
CA ASP A 221 -27.73 23.39 -5.52
C ASP A 221 -26.53 24.09 -6.11
N LYS A 222 -25.34 23.55 -5.77
CA LYS A 222 -24.13 24.16 -6.31
C LYS A 222 -23.73 23.46 -7.61
N ALA A 223 -23.84 24.19 -8.71
CA ALA A 223 -23.73 23.70 -10.06
C ALA A 223 -22.43 22.98 -10.40
N ASP A 224 -21.35 23.42 -9.79
CA ASP A 224 -20.03 22.95 -10.18
C ASP A 224 -19.49 21.92 -9.18
N VAL A 225 -20.32 21.62 -8.18
CA VAL A 225 -20.01 20.60 -7.18
C VAL A 225 -20.75 19.33 -7.60
N ASP A 226 -19.99 18.37 -8.14
CA ASP A 226 -20.62 17.23 -8.79
C ASP A 226 -20.73 15.98 -7.93
N GLY A 227 -20.33 16.07 -6.68
CA GLY A 227 -20.28 14.90 -5.80
C GLY A 227 -19.24 15.12 -4.71
N PHE A 228 -18.88 14.01 -4.07
CA PHE A 228 -18.03 14.01 -2.90
C PHE A 228 -16.98 12.91 -2.92
N LEU A 229 -15.84 13.23 -2.27
CA LEU A 229 -14.91 12.16 -1.91
C LEU A 229 -14.96 12.13 -0.36
N VAL A 230 -15.72 11.18 0.17
CA VAL A 230 -16.06 11.16 1.61
C VAL A 230 -14.97 10.47 2.39
N GLY A 231 -14.57 10.94 3.55
CA GLY A 231 -13.59 10.29 4.41
C GLY A 231 -14.29 9.45 5.48
N GLY A 232 -14.20 9.89 6.73
CA GLY A 232 -14.74 9.18 7.89
C GLY A 232 -16.20 8.83 7.76
N ALA A 233 -17.05 9.70 7.16
CA ALA A 233 -18.45 9.27 7.03
C ALA A 233 -18.60 8.03 6.17
N SER A 234 -17.58 7.64 5.37
CA SER A 234 -17.85 6.53 4.48
C SER A 234 -17.88 5.21 5.24
N LEU A 235 -17.41 5.21 6.45
CA LEU A 235 -17.43 4.03 7.34
C LEU A 235 -18.79 3.88 8.02
N LYS A 236 -19.64 4.90 7.96
CA LYS A 236 -20.85 5.00 8.79
C LYS A 236 -22.14 4.81 8.04
N PRO A 237 -23.25 4.52 8.75
CA PRO A 237 -24.51 4.38 8.02
C PRO A 237 -24.94 5.63 7.22
N GLU A 238 -24.55 6.80 7.67
CA GLU A 238 -24.90 8.10 7.08
C GLU A 238 -24.30 8.30 5.70
N PHE A 239 -23.33 7.45 5.34
CA PHE A 239 -22.89 7.51 3.93
C PHE A 239 -24.04 7.36 2.95
N VAL A 240 -25.07 6.59 3.32
CA VAL A 240 -26.25 6.42 2.47
C VAL A 240 -27.02 7.74 2.32
N ASP A 241 -27.03 8.53 3.39
CA ASP A 241 -27.72 9.82 3.36
C ASP A 241 -27.00 10.79 2.43
N ILE A 242 -25.66 10.78 2.48
CA ILE A 242 -24.89 11.56 1.52
C ILE A 242 -25.29 11.14 0.11
N ILE A 243 -25.38 9.84 -0.19
CA ILE A 243 -25.70 9.45 -1.58
C ILE A 243 -27.08 9.94 -1.93
N ASN A 244 -27.95 10.10 -0.92
CA ASN A 244 -29.31 10.47 -1.26
C ASN A 244 -29.53 11.96 -1.06
N SER A 245 -28.43 12.71 -0.96
CA SER A 245 -28.57 14.11 -0.53
C SER A 245 -29.15 15.03 -1.60
N ARG A 246 -29.24 14.62 -2.85
CA ARG A 246 -29.78 15.48 -3.89
C ARG A 246 -31.19 15.04 -4.28
N ASN A 247 -31.78 14.17 -3.48
CA ASN A 247 -33.08 13.56 -3.77
C ASN A 247 -34.18 14.60 -3.68
N ALA B 1 17.45 -27.07 16.96
CA ALA B 1 17.98 -25.72 16.85
C ALA B 1 17.23 -24.92 15.78
N ARG B 2 17.88 -23.87 15.31
CA ARG B 2 17.32 -22.97 14.30
C ARG B 2 16.60 -23.70 13.19
N THR B 3 15.27 -23.59 13.23
CA THR B 3 14.43 -24.17 12.19
C THR B 3 14.71 -23.48 10.86
N PHE B 4 15.02 -24.24 9.82
CA PHE B 4 15.15 -23.76 8.45
C PHE B 4 13.93 -22.94 8.04
N PHE B 5 14.15 -21.75 7.51
CA PHE B 5 13.11 -20.80 7.12
C PHE B 5 13.28 -20.38 5.66
N VAL B 6 12.23 -20.52 4.85
CA VAL B 6 12.29 -20.06 3.46
C VAL B 6 11.15 -19.08 3.21
N GLY B 7 11.50 -17.82 3.01
CA GLY B 7 10.46 -16.86 2.68
C GLY B 7 10.39 -16.63 1.17
N GLY B 8 9.19 -16.34 0.70
CA GLY B 8 8.94 -16.07 -0.70
C GLY B 8 8.40 -14.66 -0.91
N ASN B 9 9.25 -13.71 -1.30
CA ASN B 9 8.76 -12.33 -1.57
C ASN B 9 8.28 -12.24 -3.00
N PHE B 10 6.98 -12.29 -3.32
CA PHE B 10 6.51 -12.20 -4.71
C PHE B 10 6.73 -10.82 -5.31
N LYS B 11 7.04 -9.82 -4.52
CA LYS B 11 7.17 -8.44 -4.97
C LYS B 11 5.96 -8.02 -5.79
N LEU B 12 6.04 -7.14 -6.78
CA LEU B 12 4.79 -6.70 -7.43
C LEU B 12 4.47 -7.65 -8.57
N ASN B 13 4.07 -8.86 -8.19
CA ASN B 13 3.83 -9.94 -9.15
C ASN B 13 2.69 -10.82 -8.65
N GLY B 14 1.87 -11.31 -9.59
CA GLY B 14 0.90 -12.33 -9.22
C GLY B 14 -0.50 -12.00 -9.66
N SER B 15 -1.33 -13.03 -9.81
CA SER B 15 -2.76 -12.95 -10.01
C SER B 15 -3.51 -14.00 -9.17
N LYS B 16 -4.84 -13.98 -9.11
CA LYS B 16 -5.51 -15.01 -8.33
C LYS B 16 -5.14 -16.39 -8.90
N GLN B 17 -5.15 -16.50 -10.22
CA GLN B 17 -4.81 -17.76 -10.87
C GLN B 17 -3.37 -18.17 -10.64
N SER B 18 -2.41 -17.26 -10.81
CA SER B 18 -1.01 -17.71 -10.61
C SER B 18 -0.72 -18.03 -9.15
N ILE B 19 -1.31 -17.31 -8.19
CA ILE B 19 -1.05 -17.62 -6.78
C ILE B 19 -1.71 -18.95 -6.44
N LYS B 20 -2.88 -19.20 -7.03
CA LYS B 20 -3.55 -20.49 -6.82
C LYS B 20 -2.60 -21.62 -7.22
N GLU B 21 -1.99 -21.49 -8.38
CA GLU B 21 -1.03 -22.52 -8.84
C GLU B 21 0.15 -22.70 -7.91
N ILE B 22 0.71 -21.62 -7.37
CA ILE B 22 1.81 -21.66 -6.46
C ILE B 22 1.51 -22.36 -5.13
N VAL B 23 0.33 -22.03 -4.59
CA VAL B 23 -0.05 -22.60 -3.29
C VAL B 23 -0.48 -24.06 -3.47
N GLU B 24 -1.17 -24.35 -4.57
CA GLU B 24 -1.52 -25.74 -4.81
C GLU B 24 -0.28 -26.62 -4.95
N ARG B 25 0.76 -26.09 -5.58
CA ARG B 25 2.03 -26.83 -5.66
C ARG B 25 2.59 -27.10 -4.27
N LEU B 26 2.60 -26.09 -3.39
CA LEU B 26 3.15 -26.37 -2.06
C LEU B 26 2.32 -27.39 -1.30
N ASN B 27 1.01 -27.38 -1.53
CA ASN B 27 0.13 -28.24 -0.75
C ASN B 27 0.35 -29.72 -1.08
N THR B 28 0.80 -29.94 -2.31
CA THR B 28 0.94 -31.32 -2.78
C THR B 28 2.38 -31.72 -3.06
N ALA B 29 3.34 -30.81 -2.93
CA ALA B 29 4.73 -31.27 -3.13
C ALA B 29 5.20 -31.89 -1.83
N SER B 30 6.24 -32.75 -1.85
CA SER B 30 6.62 -33.14 -0.48
C SER B 30 7.74 -32.23 0.02
N ILE B 31 7.47 -31.63 1.16
CA ILE B 31 8.43 -30.71 1.77
C ILE B 31 8.72 -31.20 3.18
N PRO B 32 9.86 -30.82 3.76
CA PRO B 32 10.23 -31.43 5.05
C PRO B 32 9.25 -31.06 6.15
N GLU B 33 9.25 -31.88 7.21
CA GLU B 33 8.44 -31.51 8.38
C GLU B 33 9.10 -30.34 9.11
N ASN B 34 10.44 -30.29 9.05
CA ASN B 34 11.20 -29.32 9.80
C ASN B 34 11.47 -28.02 9.02
N VAL B 35 10.49 -27.53 8.27
CA VAL B 35 10.75 -26.25 7.59
C VAL B 35 9.60 -25.27 7.84
N GLU B 36 9.90 -23.97 7.92
CA GLU B 36 8.92 -22.91 8.02
C GLU B 36 8.91 -22.18 6.66
N VAL B 37 7.80 -22.17 5.95
CA VAL B 37 7.76 -21.48 4.65
C VAL B 37 6.79 -20.32 4.78
N VAL B 38 7.19 -19.12 4.38
CA VAL B 38 6.27 -17.98 4.51
C VAL B 38 6.15 -17.35 3.13
N ILE B 39 4.98 -17.42 2.53
CA ILE B 39 4.79 -16.76 1.22
C ILE B 39 4.22 -15.36 1.41
N CYS B 40 4.81 -14.41 0.69
CA CYS B 40 4.44 -13.00 0.86
C CYS B 40 3.93 -12.41 -0.43
N PRO B 41 2.64 -12.50 -0.71
CA PRO B 41 2.05 -11.91 -1.93
C PRO B 41 1.71 -10.44 -1.77
N PRO B 42 1.36 -9.76 -2.87
CA PRO B 42 0.85 -8.39 -2.74
C PRO B 42 -0.37 -8.33 -1.81
N ALA B 43 -0.66 -7.17 -1.24
CA ALA B 43 -1.70 -7.07 -0.21
C ALA B 43 -3.05 -7.48 -0.77
N THR B 44 -3.24 -7.20 -2.05
CA THR B 44 -4.51 -7.50 -2.74
C THR B 44 -4.83 -8.98 -2.62
N TYR B 45 -3.83 -9.84 -2.44
CA TYR B 45 -4.06 -11.30 -2.48
C TYR B 45 -3.81 -11.94 -1.13
N LEU B 46 -3.66 -11.17 -0.06
CA LEU B 46 -3.29 -11.80 1.22
C LEU B 46 -4.37 -12.77 1.73
N ASP B 47 -5.59 -12.29 1.79
CA ASP B 47 -6.72 -13.13 2.25
C ASP B 47 -6.85 -14.40 1.43
N TYR B 48 -6.92 -14.23 0.11
CA TYR B 48 -7.06 -15.33 -0.83
C TYR B 48 -5.94 -16.34 -0.58
N SER B 49 -4.71 -15.87 -0.39
CA SER B 49 -3.56 -16.74 -0.18
C SER B 49 -3.73 -17.62 1.07
N VAL B 50 -4.05 -16.97 2.17
CA VAL B 50 -4.34 -17.72 3.39
C VAL B 50 -5.43 -18.75 3.18
N SER B 51 -6.44 -18.39 2.38
CA SER B 51 -7.58 -19.31 2.22
C SER B 51 -7.20 -20.58 1.47
N LEU B 52 -6.12 -20.54 0.70
CA LEU B 52 -5.73 -21.69 -0.10
C LEU B 52 -4.75 -22.65 0.56
N VAL B 53 -4.06 -22.22 1.60
CA VAL B 53 -3.02 -23.03 2.26
C VAL B 53 -3.64 -24.26 2.92
N LYS B 54 -3.07 -25.43 2.64
CA LYS B 54 -3.55 -26.67 3.26
C LYS B 54 -2.38 -27.44 3.85
N LYS B 55 -1.32 -26.77 4.32
CA LYS B 55 -0.20 -27.43 4.95
C LYS B 55 0.29 -26.58 6.11
N PRO B 56 0.48 -27.14 7.29
CA PRO B 56 0.84 -26.34 8.44
C PRO B 56 2.20 -25.65 8.33
N GLN B 57 3.16 -26.16 7.58
CA GLN B 57 4.46 -25.59 7.34
C GLN B 57 4.40 -24.23 6.60
N VAL B 58 3.26 -23.98 5.96
CA VAL B 58 3.15 -22.79 5.11
C VAL B 58 2.31 -21.72 5.80
N THR B 59 2.86 -20.51 6.01
CA THR B 59 1.99 -19.40 6.41
C THR B 59 2.16 -18.20 5.46
N VAL B 60 1.46 -17.11 5.72
CA VAL B 60 1.48 -15.99 4.77
C VAL B 60 1.95 -14.69 5.41
N GLY B 61 2.68 -13.88 4.62
CA GLY B 61 3.13 -12.59 5.19
C GLY B 61 2.85 -11.45 4.20
N ALA B 62 2.88 -10.24 4.72
CA ALA B 62 2.67 -9.05 3.92
C ALA B 62 4.02 -8.47 3.53
N GLN B 63 4.07 -7.64 2.46
CA GLN B 63 5.33 -7.08 2.01
C GLN B 63 5.72 -5.74 2.63
N ASN B 64 4.83 -5.12 3.37
CA ASN B 64 5.06 -3.83 4.07
C ASN B 64 3.78 -3.48 4.84
N ALA B 65 3.93 -2.70 5.90
CA ALA B 65 2.80 -2.11 6.61
C ALA B 65 3.24 -0.77 7.19
N TYR B 66 2.30 0.01 7.70
CA TYR B 66 2.67 1.27 8.36
C TYR B 66 2.95 1.11 9.84
N LEU B 67 3.33 2.23 10.51
CA LEU B 67 3.62 2.15 11.93
C LEU B 67 2.47 2.53 12.86
N LYS B 68 1.27 2.66 12.35
CA LYS B 68 0.02 2.76 13.08
C LYS B 68 -0.95 1.71 12.59
N ALA B 69 -1.90 1.30 13.45
CA ALA B 69 -2.81 0.25 12.99
C ALA B 69 -4.04 0.76 12.26
N SER B 70 -4.39 2.04 12.42
CA SER B 70 -5.53 2.59 11.68
C SER B 70 -5.44 4.11 11.70
N GLY B 71 -6.30 4.74 10.89
CA GLY B 71 -6.26 6.21 10.87
C GLY B 71 -6.22 6.74 9.44
N ALA B 72 -5.91 8.04 9.33
CA ALA B 72 -5.99 8.77 8.07
C ALA B 72 -4.66 8.68 7.33
N PHE B 73 -4.42 7.47 6.81
CA PHE B 73 -3.18 7.14 6.09
C PHE B 73 -3.49 6.43 4.78
N THR B 74 -4.11 7.18 3.87
CA THR B 74 -4.58 6.62 2.59
C THR B 74 -3.48 5.86 1.86
N GLY B 75 -3.81 4.64 1.43
CA GLY B 75 -2.88 3.82 0.68
C GLY B 75 -1.97 2.87 1.41
N GLU B 76 -1.96 2.94 2.76
CA GLU B 76 -1.09 2.05 3.52
C GLU B 76 -1.71 0.71 3.83
N ASN B 77 -0.87 -0.24 4.26
CA ASN B 77 -1.36 -1.49 4.83
C ASN B 77 -1.25 -1.43 6.36
N SER B 78 -2.11 -2.16 7.05
CA SER B 78 -2.08 -2.22 8.52
C SER B 78 -1.78 -3.62 9.05
N VAL B 79 -0.86 -3.69 10.03
CA VAL B 79 -0.64 -5.03 10.62
C VAL B 79 -1.90 -5.63 11.22
N ASP B 80 -2.86 -4.81 11.69
CA ASP B 80 -4.07 -5.44 12.24
C ASP B 80 -4.93 -6.08 11.18
N GLN B 81 -4.92 -5.50 9.97
CA GLN B 81 -5.68 -5.98 8.83
C GLN B 81 -5.03 -7.26 8.31
N ILE B 82 -3.69 -7.25 8.33
CA ILE B 82 -2.93 -8.44 7.98
C ILE B 82 -3.28 -9.60 8.90
N LYS B 83 -3.34 -9.35 10.19
CA LYS B 83 -3.76 -10.35 11.17
C LYS B 83 -5.19 -10.82 10.96
N ASP B 84 -6.08 -9.87 10.65
CA ASP B 84 -7.51 -10.11 10.52
C ASP B 84 -7.86 -11.11 9.44
N VAL B 85 -7.04 -11.14 8.38
CA VAL B 85 -7.25 -12.07 7.28
C VAL B 85 -6.40 -13.33 7.46
N GLY B 86 -5.64 -13.40 8.55
CA GLY B 86 -4.99 -14.68 8.88
C GLY B 86 -3.53 -14.79 8.51
N ALA B 87 -2.94 -13.69 8.08
CA ALA B 87 -1.48 -13.67 7.83
C ALA B 87 -0.74 -13.49 9.15
N LYS B 88 0.55 -13.86 9.14
CA LYS B 88 1.35 -14.02 10.35
C LYS B 88 2.66 -13.25 10.39
N TYR B 89 3.08 -12.66 9.27
CA TYR B 89 4.37 -11.98 9.19
C TYR B 89 4.22 -10.68 8.39
N VAL B 90 5.19 -9.81 8.54
CA VAL B 90 5.34 -8.69 7.56
C VAL B 90 6.81 -8.48 7.25
N ILE B 91 7.18 -8.22 5.99
CA ILE B 91 8.57 -7.84 5.65
C ILE B 91 8.74 -6.37 5.94
N LEU B 92 9.78 -5.98 6.68
CA LEU B 92 10.06 -4.56 6.92
C LEU B 92 11.48 -4.21 6.57
N GLY B 93 11.68 -3.05 5.93
CA GLY B 93 13.04 -2.63 5.60
C GLY B 93 13.60 -3.22 4.33
N HIS B 94 12.77 -3.76 3.43
CA HIS B 94 13.31 -4.27 2.17
C HIS B 94 14.10 -3.20 1.42
N SER B 95 15.16 -3.61 0.74
CA SER B 95 15.99 -2.70 -0.04
C SER B 95 15.18 -1.78 -0.93
N GLU B 96 14.11 -2.29 -1.55
CA GLU B 96 13.29 -1.53 -2.48
C GLU B 96 12.50 -0.43 -1.78
N ARG B 97 12.10 -0.65 -0.54
CA ARG B 97 11.45 0.42 0.24
C ARG B 97 12.43 1.41 0.83
N ARG B 98 13.60 0.92 1.24
CA ARG B 98 14.62 1.83 1.77
C ARG B 98 15.06 2.77 0.67
N SER B 99 15.15 2.35 -0.58
CA SER B 99 15.65 3.17 -1.68
C SER B 99 14.54 3.88 -2.45
N TYR B 100 13.65 3.25 -3.18
CA TYR B 100 12.59 3.92 -3.96
C TYR B 100 11.62 4.70 -3.07
N PHE B 101 11.37 4.30 -1.82
CA PHE B 101 10.33 4.89 -0.99
C PHE B 101 10.88 5.55 0.27
N HIS B 102 12.18 5.79 0.28
CA HIS B 102 12.93 6.59 1.21
C HIS B 102 12.63 6.21 2.66
N GLU B 103 12.46 4.91 2.93
CA GLU B 103 12.23 4.45 4.30
C GLU B 103 13.57 4.41 5.03
N ASP B 104 13.73 5.22 6.08
CA ASP B 104 15.04 5.30 6.75
C ASP B 104 15.06 4.36 7.95
N ASP B 105 16.24 4.32 8.57
CA ASP B 105 16.49 3.34 9.59
C ASP B 105 15.50 3.42 10.73
N LYS B 106 15.19 4.67 11.11
CA LYS B 106 14.31 4.81 12.25
C LYS B 106 12.88 4.41 11.92
N PHE B 107 12.50 4.72 10.66
CA PHE B 107 11.13 4.36 10.25
C PHE B 107 10.94 2.85 10.33
N ILE B 108 12.00 2.17 9.87
CA ILE B 108 11.98 0.70 9.89
C ILE B 108 11.93 0.17 11.32
N ALA B 109 12.74 0.77 12.19
CA ALA B 109 12.74 0.36 13.60
C ALA B 109 11.38 0.60 14.24
N ASP B 110 10.76 1.75 13.96
CA ASP B 110 9.47 2.05 14.56
C ASP B 110 8.34 1.11 14.14
N LYS B 111 8.37 0.76 12.85
CA LYS B 111 7.48 -0.19 12.25
C LYS B 111 7.65 -1.59 12.85
N THR B 112 8.90 -2.00 13.08
CA THR B 112 9.21 -3.30 13.66
C THR B 112 8.67 -3.37 15.07
N LYS B 113 9.04 -2.34 15.85
CA LYS B 113 8.49 -2.28 17.21
C LYS B 113 6.98 -2.35 17.19
N PHE B 114 6.33 -1.58 16.32
CA PHE B 114 4.87 -1.60 16.24
C PHE B 114 4.31 -2.95 15.84
N ALA B 115 4.87 -3.59 14.81
CA ALA B 115 4.33 -4.84 14.35
C ALA B 115 4.46 -5.96 15.41
N LEU B 116 5.63 -6.03 16.01
CA LEU B 116 5.81 -7.05 17.07
C LEU B 116 4.77 -6.88 18.18
N GLY B 117 4.60 -5.59 18.53
CA GLY B 117 3.67 -5.26 19.62
C GLY B 117 2.26 -5.71 19.28
N GLN B 118 1.95 -5.79 17.98
CA GLN B 118 0.60 -6.21 17.64
C GLN B 118 0.48 -7.71 17.41
N GLY B 119 1.53 -8.46 17.70
CA GLY B 119 1.53 -9.89 17.51
C GLY B 119 1.85 -10.41 16.13
N VAL B 120 2.40 -9.59 15.25
CA VAL B 120 2.80 -10.04 13.92
C VAL B 120 4.29 -10.24 13.81
N GLY B 121 4.76 -11.37 13.26
CA GLY B 121 6.20 -11.57 13.13
C GLY B 121 6.83 -10.64 12.10
N VAL B 122 8.13 -10.42 12.20
CA VAL B 122 8.76 -9.49 11.26
C VAL B 122 9.93 -10.19 10.57
N ILE B 123 9.92 -10.11 9.25
CA ILE B 123 11.10 -10.47 8.46
C ILE B 123 11.86 -9.18 8.22
N LEU B 124 12.96 -9.00 8.95
CA LEU B 124 13.65 -7.70 8.97
C LEU B 124 14.80 -7.70 7.99
N CYS B 125 14.72 -6.85 6.95
CA CYS B 125 15.74 -6.87 5.91
C CYS B 125 16.87 -5.86 6.11
N ILE B 126 18.12 -6.31 5.97
CA ILE B 126 19.33 -5.50 6.06
C ILE B 126 20.28 -5.81 4.92
N GLY B 127 21.26 -4.94 4.63
CA GLY B 127 22.20 -5.22 3.57
C GLY B 127 22.88 -4.04 2.93
N GLU B 128 24.02 -4.25 2.26
CA GLU B 128 24.79 -3.15 1.67
C GLU B 128 24.79 -3.06 0.15
N THR B 129 25.08 -1.86 -0.36
CA THR B 129 25.19 -1.58 -1.78
C THR B 129 26.57 -1.96 -2.37
N LEU B 130 26.64 -2.03 -3.71
CA LEU B 130 27.91 -2.42 -4.31
C LEU B 130 29.03 -1.42 -3.95
N GLU B 131 28.69 -0.14 -3.84
CA GLU B 131 29.69 0.87 -3.50
C GLU B 131 30.17 0.72 -2.06
N GLU B 132 29.25 0.44 -1.13
CA GLU B 132 29.59 0.24 0.28
C GLU B 132 30.50 -0.96 0.46
N LYS B 133 30.18 -2.08 -0.18
CA LYS B 133 31.04 -3.26 -0.18
C LYS B 133 32.45 -2.93 -0.68
N LYS B 134 32.50 -2.26 -1.83
CA LYS B 134 33.79 -1.99 -2.45
C LYS B 134 34.69 -1.14 -1.56
N ALA B 135 34.11 -0.44 -0.60
CA ALA B 135 34.87 0.40 0.32
C ALA B 135 35.10 -0.30 1.67
N GLY B 136 34.76 -1.57 1.76
CA GLY B 136 35.00 -2.37 2.96
C GLY B 136 34.00 -2.16 4.07
N LYS B 137 32.88 -1.51 3.76
CA LYS B 137 31.94 -1.08 4.79
C LYS B 137 30.75 -2.01 5.02
N THR B 138 30.75 -3.22 4.49
CA THR B 138 29.63 -4.17 4.62
C THR B 138 29.14 -4.24 6.06
N LEU B 139 30.05 -4.57 7.00
CA LEU B 139 29.62 -4.66 8.39
C LEU B 139 29.19 -3.32 8.98
N ASP B 140 29.89 -2.23 8.66
CA ASP B 140 29.46 -0.96 9.24
C ASP B 140 28.03 -0.63 8.78
N VAL B 141 27.73 -0.92 7.52
CA VAL B 141 26.35 -0.63 7.07
C VAL B 141 25.35 -1.49 7.82
N VAL B 142 25.58 -2.80 7.92
CA VAL B 142 24.55 -3.67 8.50
C VAL B 142 24.43 -3.49 9.99
N GLU B 143 25.51 -3.08 10.66
CA GLU B 143 25.32 -2.83 12.10
C GLU B 143 24.61 -1.50 12.36
N ARG B 144 24.80 -0.52 11.50
CA ARG B 144 24.00 0.70 11.60
C ARG B 144 22.52 0.35 11.46
N GLN B 145 22.19 -0.40 10.42
CA GLN B 145 20.76 -0.74 10.25
C GLN B 145 20.20 -1.49 11.44
N LEU B 146 20.97 -2.45 11.98
CA LEU B 146 20.51 -3.21 13.12
C LEU B 146 20.51 -2.40 14.41
N ASN B 147 21.56 -1.61 14.62
CA ASN B 147 21.57 -0.74 15.80
C ASN B 147 20.37 0.18 15.82
N ALA B 148 19.96 0.71 14.66
CA ALA B 148 18.78 1.59 14.68
C ALA B 148 17.60 0.81 15.24
N VAL B 149 17.37 -0.40 14.75
CA VAL B 149 16.26 -1.19 15.26
C VAL B 149 16.42 -1.58 16.72
N LEU B 150 17.63 -1.89 17.17
CA LEU B 150 17.83 -2.33 18.54
C LEU B 150 17.57 -1.23 19.57
N GLU B 151 17.67 0.01 19.14
CA GLU B 151 17.32 1.13 20.01
C GLU B 151 15.82 1.18 20.29
N GLU B 152 14.98 0.45 19.55
CA GLU B 152 13.55 0.40 19.78
C GLU B 152 13.03 -1.01 20.11
N VAL B 153 13.74 -2.04 19.66
CA VAL B 153 13.34 -3.44 19.85
C VAL B 153 14.37 -4.22 20.65
N LYS B 154 13.98 -4.85 21.77
CA LYS B 154 15.02 -5.54 22.55
C LYS B 154 14.79 -7.04 22.60
N ASP B 155 13.72 -7.52 21.98
CA ASP B 155 13.49 -8.96 21.93
C ASP B 155 13.29 -9.39 20.48
N PHE B 156 14.15 -10.27 20.00
CA PHE B 156 14.05 -10.73 18.61
C PHE B 156 13.41 -12.10 18.45
N THR B 157 12.60 -12.49 19.43
CA THR B 157 12.05 -13.84 19.40
C THR B 157 11.21 -14.11 18.17
N ASN B 158 10.48 -13.09 17.74
CA ASN B 158 9.55 -13.33 16.65
C ASN B 158 9.99 -12.55 15.41
N VAL B 159 11.28 -12.28 15.39
CA VAL B 159 12.00 -11.63 14.30
C VAL B 159 12.86 -12.67 13.55
N VAL B 160 12.84 -12.55 12.23
CA VAL B 160 13.78 -13.27 11.37
C VAL B 160 14.56 -12.23 10.58
N VAL B 161 15.87 -12.26 10.54
CA VAL B 161 16.67 -11.25 9.85
C VAL B 161 17.04 -11.75 8.45
N ALA B 162 16.84 -10.93 7.43
CA ALA B 162 17.28 -11.29 6.09
C ALA B 162 18.41 -10.38 5.60
N TYR B 163 19.59 -11.00 5.48
CA TYR B 163 20.76 -10.31 4.95
C TYR B 163 20.70 -10.40 3.43
N GLU B 164 20.44 -9.26 2.78
CA GLU B 164 20.33 -9.30 1.31
C GLU B 164 21.31 -8.28 0.77
N PRO B 165 22.44 -8.72 0.22
CA PRO B 165 23.33 -7.71 -0.37
C PRO B 165 22.59 -7.04 -1.51
N VAL B 166 22.58 -5.70 -1.54
CA VAL B 166 21.74 -5.01 -2.51
C VAL B 166 22.18 -5.33 -3.92
N FTR B 167 23.49 -5.51 -4.10
CA FTR B 167 24.03 -5.77 -5.44
CB FTR B 167 25.55 -5.55 -5.47
CG FTR B 167 26.25 -6.22 -4.33
CD2 FTR B 167 26.75 -7.57 -4.31
CE2 FTR B 167 27.32 -7.80 -3.05
CE3 FTR B 167 26.74 -8.58 -5.26
CD1 FTR B 167 26.55 -5.71 -3.10
NE1 FTR B 167 27.19 -6.65 -2.33
CZ2 FTR B 167 27.90 -9.03 -2.71
CZ3 FTR B 167 27.31 -9.80 -4.93
F FTR B 167 27.28 -10.76 -5.88
CH2 FTR B 167 27.89 -10.01 -3.67
C FTR B 167 23.69 -7.17 -5.94
O FTR B 167 23.96 -7.46 -7.11
N ALA B 168 23.13 -8.02 -5.09
CA ALA B 168 22.79 -9.37 -5.54
C ALA B 168 21.29 -9.51 -5.82
N ILE B 169 20.52 -8.48 -5.54
CA ILE B 169 19.07 -8.56 -5.74
C ILE B 169 18.66 -8.45 -7.20
N GLY B 170 18.03 -9.51 -7.71
CA GLY B 170 17.52 -9.67 -9.03
C GLY B 170 18.52 -9.62 -10.17
N THR B 171 19.82 -9.69 -9.92
CA THR B 171 20.82 -9.73 -10.98
C THR B 171 21.07 -11.15 -11.48
N GLY B 172 20.83 -12.15 -10.66
CA GLY B 172 21.17 -13.52 -11.09
C GLY B 172 22.54 -13.94 -10.57
N LEU B 173 23.25 -13.02 -9.95
CA LEU B 173 24.54 -13.33 -9.35
C LEU B 173 24.47 -13.26 -7.84
N ALA B 174 24.32 -14.40 -7.17
CA ALA B 174 24.35 -14.28 -5.71
C ALA B 174 25.74 -14.09 -5.10
N ALA B 175 25.79 -13.73 -3.83
CA ALA B 175 27.01 -13.77 -3.03
C ALA B 175 27.57 -15.19 -2.98
N THR B 176 28.88 -15.39 -2.87
CA THR B 176 29.29 -16.79 -2.70
C THR B 176 28.83 -17.31 -1.32
N PRO B 177 28.59 -18.62 -1.26
CA PRO B 177 28.27 -19.32 -0.01
C PRO B 177 29.27 -18.98 1.09
N GLU B 178 30.53 -18.98 0.67
CA GLU B 178 31.61 -18.75 1.63
C GLU B 178 31.54 -17.35 2.23
N ASP B 179 31.30 -16.35 1.37
CA ASP B 179 31.21 -14.98 1.86
C ASP B 179 29.96 -14.81 2.72
N ALA B 180 28.82 -15.38 2.29
CA ALA B 180 27.60 -15.32 3.09
C ALA B 180 27.80 -15.83 4.52
N GLN B 181 28.45 -16.99 4.57
CA GLN B 181 28.77 -17.64 5.84
C GLN B 181 29.56 -16.66 6.70
N ASP B 182 30.62 -16.08 6.12
CA ASP B 182 31.45 -15.17 6.93
C ASP B 182 30.68 -13.94 7.40
N ILE B 183 29.97 -13.25 6.50
CA ILE B 183 29.16 -12.12 6.95
C ILE B 183 28.11 -12.59 7.95
N HIS B 184 27.44 -13.72 7.69
CA HIS B 184 26.40 -14.17 8.62
C HIS B 184 26.96 -14.40 10.02
N ALA B 185 28.16 -15.01 10.10
CA ALA B 185 28.77 -15.20 11.41
C ALA B 185 29.16 -13.90 12.07
N SER B 186 29.58 -12.90 11.30
CA SER B 186 29.92 -11.59 11.86
C SER B 186 28.66 -10.92 12.37
N ILE B 187 27.56 -11.06 11.61
CA ILE B 187 26.30 -10.46 12.08
C ILE B 187 25.89 -11.07 13.40
N ARG B 188 25.95 -12.40 13.46
CA ARG B 188 25.52 -13.13 14.62
C ARG B 188 26.39 -12.81 15.86
N LYS B 189 27.68 -12.62 15.71
CA LYS B 189 28.57 -12.22 16.80
C LYS B 189 28.25 -10.81 17.25
N PHE B 190 28.11 -9.89 16.30
CA PHE B 190 27.71 -8.53 16.69
C PHE B 190 26.39 -8.60 17.45
N LEU B 191 25.38 -9.26 16.89
CA LEU B 191 24.09 -9.37 17.58
C LEU B 191 24.17 -10.09 18.92
N ALA B 192 25.10 -11.01 19.11
CA ALA B 192 25.17 -11.61 20.44
C ALA B 192 25.68 -10.58 21.46
N SER B 193 26.46 -9.61 21.04
CA SER B 193 26.88 -8.58 22.00
C SER B 193 25.71 -7.70 22.43
N LYS B 194 24.61 -7.63 21.66
CA LYS B 194 23.50 -6.76 21.96
C LYS B 194 22.36 -7.48 22.65
N LEU B 195 21.96 -8.65 22.14
CA LEU B 195 20.85 -9.46 22.57
C LEU B 195 21.25 -10.63 23.45
N GLY B 196 22.55 -10.89 23.54
CA GLY B 196 22.97 -12.03 24.34
C GLY B 196 23.30 -13.27 23.53
N ASP B 197 24.29 -14.04 23.98
CA ASP B 197 24.65 -15.25 23.27
C ASP B 197 23.48 -16.17 22.98
N LYS B 198 22.59 -16.34 23.96
CA LYS B 198 21.47 -17.24 23.71
C LYS B 198 20.52 -16.80 22.61
N ALA B 199 20.08 -15.54 22.64
CA ALA B 199 19.18 -15.14 21.55
C ALA B 199 19.91 -15.25 20.21
N ALA B 200 21.16 -14.82 20.19
CA ALA B 200 21.99 -14.85 18.99
C ALA B 200 22.00 -16.24 18.37
N SER B 201 22.14 -17.25 19.22
CA SER B 201 22.20 -18.62 18.79
C SER B 201 20.86 -19.12 18.25
N GLU B 202 19.75 -18.54 18.67
CA GLU B 202 18.44 -19.05 18.25
C GLU B 202 17.84 -18.24 17.10
N LEU B 203 18.46 -17.13 16.76
CA LEU B 203 17.90 -16.21 15.75
C LEU B 203 18.14 -16.65 14.32
N ARG B 204 17.11 -16.84 13.50
CA ARG B 204 17.35 -17.18 12.09
C ARG B 204 17.87 -15.97 11.33
N ILE B 205 18.98 -16.17 10.61
CA ILE B 205 19.54 -15.17 9.69
C ILE B 205 19.51 -15.77 8.28
N LEU B 206 18.66 -15.20 7.45
CA LEU B 206 18.41 -15.70 6.11
C LEU B 206 19.34 -15.08 5.08
N TYR B 207 19.71 -15.78 4.00
CA TYR B 207 20.43 -15.13 2.90
C TYR B 207 19.39 -14.72 1.86
N GLY B 208 19.47 -13.54 1.24
CA GLY B 208 18.61 -13.29 0.08
C GLY B 208 19.42 -12.58 -1.01
N GLY B 209 19.08 -12.73 -2.28
CA GLY B 209 19.72 -12.04 -3.39
C GLY B 209 20.11 -13.08 -4.42
N SER B 210 19.20 -13.35 -5.36
CA SER B 210 19.42 -14.36 -6.39
C SER B 210 19.55 -15.77 -5.82
N ALA B 211 18.94 -16.06 -4.69
CA ALA B 211 18.82 -17.47 -4.26
C ALA B 211 17.92 -18.22 -5.22
N ASN B 212 18.32 -19.38 -5.70
CA ASN B 212 17.47 -20.06 -6.69
C ASN B 212 17.52 -21.57 -6.49
N GLY B 213 16.81 -22.33 -7.30
CA GLY B 213 16.73 -23.77 -7.15
C GLY B 213 18.06 -24.45 -7.41
N SER B 214 18.88 -23.79 -8.21
CA SER B 214 20.17 -24.30 -8.60
C SER B 214 21.21 -24.08 -7.52
N ASN B 215 21.25 -22.86 -6.94
CA ASN B 215 22.34 -22.60 -6.00
C ASN B 215 21.98 -22.81 -4.54
N ALA B 216 20.70 -23.01 -4.23
CA ALA B 216 20.31 -23.15 -2.81
C ALA B 216 21.10 -24.27 -2.12
N VAL B 217 21.29 -25.38 -2.81
CA VAL B 217 22.02 -26.48 -2.14
C VAL B 217 23.47 -26.13 -1.86
N THR B 218 24.07 -25.18 -2.57
CA THR B 218 25.47 -24.83 -2.27
C THR B 218 25.64 -24.12 -0.94
N PHE B 219 24.54 -23.73 -0.30
CA PHE B 219 24.65 -23.13 1.03
C PHE B 219 24.31 -24.09 2.16
N LYS B 220 24.22 -25.38 1.87
CA LYS B 220 23.67 -26.31 2.84
C LYS B 220 24.60 -26.57 4.02
N ASP B 221 25.92 -26.38 3.88
CA ASP B 221 26.84 -26.69 4.98
C ASP B 221 27.27 -25.42 5.70
N LYS B 222 26.52 -24.36 5.48
CA LYS B 222 26.89 -23.06 6.08
C LYS B 222 26.05 -22.83 7.32
N ALA B 223 26.68 -23.03 8.48
CA ALA B 223 25.97 -23.16 9.74
C ALA B 223 25.27 -21.88 10.21
N ASP B 224 25.74 -20.73 9.72
CA ASP B 224 25.15 -19.46 10.15
C ASP B 224 24.13 -18.97 9.13
N VAL B 225 23.92 -19.77 8.09
CA VAL B 225 22.89 -19.42 7.09
C VAL B 225 21.69 -20.31 7.37
N ASP B 226 20.59 -19.73 7.83
CA ASP B 226 19.46 -20.48 8.35
C ASP B 226 18.29 -20.58 7.39
N GLY B 227 18.48 -20.06 6.17
CA GLY B 227 17.37 -20.15 5.21
C GLY B 227 17.52 -19.01 4.22
N PHE B 228 16.43 -18.71 3.51
CA PHE B 228 16.51 -17.75 2.42
C PHE B 228 15.29 -16.83 2.35
N LEU B 229 15.54 -15.61 1.85
CA LEU B 229 14.43 -14.79 1.35
C LEU B 229 14.55 -14.78 -0.19
N VAL B 230 13.58 -15.43 -0.80
CA VAL B 230 13.62 -15.73 -2.24
C VAL B 230 12.73 -14.76 -2.98
N GLY B 231 13.21 -14.08 -4.01
CA GLY B 231 12.33 -13.16 -4.72
C GLY B 231 11.80 -13.86 -5.96
N GLY B 232 12.47 -13.66 -7.09
CA GLY B 232 11.91 -14.19 -8.33
C GLY B 232 11.67 -15.67 -8.36
N ALA B 233 12.59 -16.45 -7.75
CA ALA B 233 12.38 -17.91 -7.82
C ALA B 233 11.16 -18.31 -7.00
N SER B 234 10.62 -17.41 -6.15
CA SER B 234 9.42 -17.82 -5.41
C SER B 234 8.17 -17.92 -6.27
N LEU B 235 8.19 -17.35 -7.47
CA LEU B 235 7.06 -17.44 -8.41
C LEU B 235 7.05 -18.72 -9.24
N LYS B 236 8.06 -19.57 -9.08
CA LYS B 236 8.38 -20.66 -9.99
C LYS B 236 8.37 -22.01 -9.31
N PRO B 237 8.23 -23.09 -10.07
CA PRO B 237 8.31 -24.42 -9.48
C PRO B 237 9.58 -24.69 -8.66
N GLU B 238 10.74 -24.14 -9.01
CA GLU B 238 11.96 -24.42 -8.25
C GLU B 238 11.92 -23.88 -6.81
N PHE B 239 10.92 -23.09 -6.44
CA PHE B 239 10.76 -22.69 -5.03
C PHE B 239 10.73 -23.93 -4.15
N VAL B 240 10.12 -24.98 -4.68
CA VAL B 240 10.02 -26.25 -3.95
C VAL B 240 11.40 -26.89 -3.78
N ASP B 241 12.21 -26.82 -4.84
CA ASP B 241 13.59 -27.31 -4.70
C ASP B 241 14.39 -26.56 -3.64
N ILE B 242 14.12 -25.27 -3.43
CA ILE B 242 14.88 -24.48 -2.46
C ILE B 242 14.48 -24.94 -1.04
N ILE B 243 13.17 -25.10 -0.86
CA ILE B 243 12.62 -25.58 0.41
C ILE B 243 13.15 -26.96 0.77
N ASN B 244 13.44 -27.76 -0.23
CA ASN B 244 13.95 -29.12 -0.04
C ASN B 244 15.46 -29.19 -0.13
N SER B 245 16.15 -28.04 -0.09
CA SER B 245 17.58 -28.09 -0.40
C SER B 245 18.41 -28.64 0.73
N ARG B 246 17.84 -28.80 1.93
CA ARG B 246 18.66 -29.41 2.97
C ARG B 246 18.07 -30.75 3.40
N ASN B 247 17.27 -31.33 2.53
CA ASN B 247 16.66 -32.63 2.74
C ASN B 247 17.73 -33.72 2.73
P 13P C . -12.66 13.38 5.68
O1P 13P C . -12.71 12.65 7.08
O2P 13P C . -12.31 14.87 6.05
O3P 13P C . -14.11 13.43 5.02
O1 13P C . -11.56 12.87 4.58
C1 13P C . -11.64 13.29 3.18
C2 13P C . -10.49 12.60 2.43
O2 13P C . -9.34 12.93 2.71
C3 13P C . -10.82 11.53 1.44
O3 13P C . -9.88 11.44 0.40
P 13P D . 15.77 -12.01 -5.92
O1P 13P D . 14.96 -11.99 -7.29
O2P 13P D . 17.25 -11.67 -6.25
O3P 13P D . 15.65 -13.43 -5.18
O1 13P D . 15.25 -10.91 -4.82
C1 13P D . 15.82 -10.85 -3.48
C2 13P D . 14.81 -10.06 -2.66
O2 13P D . 14.77 -8.85 -2.78
C3 13P D . 13.88 -10.86 -1.79
O3 13P D . 13.27 -10.05 -0.81
#